data_5O9P
#
_entry.id   5O9P
#
_cell.length_a   50.067
_cell.length_b   70.953
_cell.length_c   150.990
_cell.angle_alpha   90.00
_cell.angle_beta   90.00
_cell.angle_gamma   90.00
#
_symmetry.space_group_name_H-M   'P 21 21 21'
#
loop_
_entity.id
_entity.type
_entity.pdbx_description
1 polymer '1,3-beta-glucanosyltransferase GAS2'
2 non-polymer (2~{R},3~{S},4~{S},5~{R},6~{S})-2-(hydroxymethyl)-6-[(2~{R},3~{R},4~{S},5~{R},6~{S})-2-(hydroxymethyl)-6-[(2~{R},3~{R},4~{S},5~{R},6~{R})-2-(hydroxymethyl)-3,5-bis(oxidanyl)-6-[4-(pyridin-2-ylmethoxymethyl)-1,2,3-triazol-1-yl]oxan-4-yl]oxy-3,5-bis(oxidanyl)oxan-4-yl]oxy-oxane-3,4,5-triol
3 non-polymer 1,2-ETHANEDIOL
4 water water
#
_entity_poly.entity_id   1
_entity_poly.type   'polypeptide(L)'
_entity_poly.pdbx_seq_one_letter_code
;MNKKQNFYAAIIVAIFLCLQLSHGSSGVSFEKTPAIKIVGNKFFDSESGEQFFIKGIAYQLQRSEEELSNANGAFETSYI
DALADPKICLRDIPFLKMLGVNTLRVYAIDPTKSHDICMEALSAEGMYVLLDLSEPDISINRENPSWDVHIFERYKSVID
AMSSFPNLLGYFAGNEVTNDHTNTFASPFVKAAIRDAKEYISHSNHRKIPVGYSTNDDAMTRDNLARYFVCGDVKADFYG
INMYEWCGYSTYGTSGYRERTKEFEGYPIPVFFSEFGCNLVRPRPFTEVSALYGNKMSSVWSGGLAYMYFEEENEYGVVK
INDNDGVDILPDFKNLKKEFAKADPKGITEEEYLTAKEPTEVESVECPHIAVGVWEANEKLPETPDRSKCACLDEILPCE
IVPFGAESGKYEEYFSYLCSKVDCSDILANGKTGEYGEFSDCSVEQKLSLQLSKLYCKIGANDRHCPLNDKNVYFNLESL
QPLTSESICKNVFDSIRNITYNHGDYSKSNPSRSKESLNVKYPSSEERENDGTIAFKTSGFVILLISMIAAGILL
;
_entity_poly.pdbx_strand_id   A
#
loop_
_chem_comp.id
_chem_comp.type
_chem_comp.name
_chem_comp.formula
9P8 non-polymer (2~{R},3~{S},4~{S},5~{R},6~{S})-2-(hydroxymethyl)-6-[(2~{R},3~{R},4~{S},5~{R},6~{S})-2-(hydroxymethyl)-6-[(2~{R},3~{R},4~{S},5~{R},6~{R})-2-(hydroxymethyl)-3,5-bis(oxidanyl)-6-[4-(pyridin-2-ylmethoxymethyl)-1,2,3-triazol-1-yl]oxan-4-yl]oxy-3,5-bis(oxidanyl)oxan-4-yl]oxy-oxane-3,4,5-triol 'C27 H40 N4 O16'
EDO non-polymer 1,2-ETHANEDIOL 'C2 H6 O2'
#
# COMPACT_ATOMS: atom_id res chain seq x y z
N SER A 29 11.54 8.74 23.98
CA SER A 29 10.40 9.72 24.05
C SER A 29 9.75 9.95 22.68
N PHE A 30 8.43 10.00 22.68
CA PHE A 30 7.63 10.36 21.50
C PHE A 30 6.64 11.50 21.84
N GLU A 31 7.03 12.39 22.75
CA GLU A 31 6.09 13.37 23.32
C GLU A 31 5.61 14.39 22.29
N LYS A 32 6.46 14.70 21.32
CA LYS A 32 6.09 15.63 20.25
C LYS A 32 5.19 14.98 19.18
N THR A 33 5.09 13.64 19.16
CA THR A 33 4.11 12.94 18.28
C THR A 33 3.15 12.00 19.02
N PRO A 34 2.07 12.55 19.60
CA PRO A 34 1.01 11.68 20.15
C PRO A 34 0.32 10.93 19.03
N ALA A 35 -0.13 9.71 19.31
CA ALA A 35 -0.71 8.89 18.26
C ALA A 35 -1.93 9.61 17.70
N ILE A 36 -2.08 9.53 16.38
CA ILE A 36 -3.25 10.05 15.70
C ILE A 36 -4.29 8.94 15.59
N LYS A 37 -5.54 9.29 15.79
CA LYS A 37 -6.64 8.36 15.73
C LYS A 37 -7.65 8.91 14.73
N ILE A 38 -8.56 8.04 14.29
CA ILE A 38 -9.65 8.39 13.38
C ILE A 38 -10.98 8.39 14.14
N VAL A 39 -11.78 9.41 13.88
CA VAL A 39 -13.18 9.49 14.32
C VAL A 39 -13.97 9.95 13.10
N GLY A 40 -14.98 9.18 12.68
CA GLY A 40 -15.71 9.47 11.45
C GLY A 40 -14.80 9.60 10.24
N ASN A 41 -14.81 10.76 9.59
CA ASN A 41 -14.00 11.00 8.39
C ASN A 41 -12.87 12.01 8.63
N LYS A 42 -12.41 12.11 9.88
CA LYS A 42 -11.29 12.99 10.21
C LYS A 42 -10.28 12.27 11.09
N PHE A 43 -9.05 12.77 11.05
CA PHE A 43 -7.95 12.35 11.93
C PHE A 43 -7.90 13.31 13.11
N PHE A 44 -7.60 12.81 14.31
CA PHE A 44 -7.47 13.64 15.53
C PHE A 44 -6.23 13.26 16.31
N ASP A 45 -5.54 14.27 16.85
CA ASP A 45 -4.47 14.08 17.82
C ASP A 45 -5.10 13.49 19.10
N SER A 46 -4.68 12.28 19.47
CA SER A 46 -5.28 11.53 20.59
C SER A 46 -5.15 12.17 21.96
N GLU A 47 -4.27 13.16 22.10
CA GLU A 47 -4.11 13.90 23.36
C GLU A 47 -4.84 15.23 23.35
N SER A 48 -4.54 16.05 22.35
CA SER A 48 -5.08 17.42 22.27
C SER A 48 -6.56 17.44 21.85
N GLY A 49 -6.99 16.43 21.09
CA GLY A 49 -8.32 16.41 20.51
C GLY A 49 -8.50 17.31 19.30
N GLU A 50 -7.42 17.94 18.84
CA GLU A 50 -7.45 18.79 17.65
C GLU A 50 -7.42 17.94 16.39
N GLN A 51 -8.04 18.45 15.31
CA GLN A 51 -8.01 17.75 14.05
C GLN A 51 -6.59 17.78 13.53
N PHE A 52 -6.15 16.66 12.95
CA PHE A 52 -4.82 16.51 12.37
C PHE A 52 -4.91 16.61 10.85
N PHE A 53 -4.21 17.57 10.28
CA PHE A 53 -4.09 17.68 8.84
C PHE A 53 -2.70 17.27 8.40
N ILE A 54 -2.62 16.45 7.35
CA ILE A 54 -1.35 15.97 6.84
C ILE A 54 -0.72 17.09 5.99
N LYS A 55 0.52 17.47 6.30
CA LYS A 55 1.36 18.33 5.46
C LYS A 55 2.59 17.52 5.19
N GLY A 56 2.58 16.80 4.06
CA GLY A 56 3.55 15.72 3.85
C GLY A 56 4.46 15.81 2.65
N ILE A 57 5.44 14.93 2.65
CA ILE A 57 6.22 14.68 1.44
C ILE A 57 6.61 13.21 1.39
N ALA A 58 6.64 12.66 0.17
CA ALA A 58 7.14 11.32 -0.05
C ALA A 58 8.66 11.29 0.18
N TYR A 59 9.13 10.25 0.84
CA TYR A 59 10.56 10.11 1.15
C TYR A 59 11.01 8.67 0.89
N GLN A 60 11.65 8.44 -0.27
CA GLN A 60 12.05 7.11 -0.69
C GLN A 60 13.16 7.19 -1.73
N LEU A 61 14.27 6.52 -1.44
CA LEU A 61 15.37 6.37 -2.40
C LEU A 61 15.10 5.17 -3.31
N GLN A 62 15.59 5.24 -4.54
CA GLN A 62 15.59 4.09 -5.43
C GLN A 62 17.03 3.66 -5.76
N ARG A 63 17.16 2.55 -6.50
CA ARG A 63 18.37 2.20 -7.25
C ARG A 63 18.08 2.26 -8.75
N SER A 64 19.13 2.36 -9.58
CA SER A 64 19.03 2.10 -11.05
C SER A 64 20.36 1.62 -11.63
N GLY A 73 20.99 -7.69 -8.10
CA GLY A 73 20.67 -7.30 -6.73
C GLY A 73 20.20 -8.45 -5.85
N ALA A 74 21.13 -9.36 -5.53
CA ALA A 74 20.86 -10.52 -4.67
C ALA A 74 21.14 -10.21 -3.19
N PHE A 75 22.36 -9.75 -2.91
CA PHE A 75 22.83 -9.54 -1.51
C PHE A 75 22.19 -8.32 -0.86
N GLU A 76 21.72 -7.38 -1.68
CA GLU A 76 21.02 -6.18 -1.23
C GLU A 76 19.56 -6.27 -1.66
N THR A 77 18.68 -5.56 -0.98
CA THR A 77 17.29 -5.44 -1.44
C THR A 77 17.21 -4.50 -2.66
N SER A 78 16.28 -4.80 -3.58
CA SER A 78 15.93 -3.92 -4.70
C SER A 78 15.62 -2.49 -4.28
N TYR A 79 14.81 -2.36 -3.22
CA TYR A 79 14.47 -1.06 -2.61
C TYR A 79 15.55 -0.65 -1.59
N ILE A 80 15.66 0.65 -1.32
CA ILE A 80 16.52 1.17 -0.27
C ILE A 80 15.67 1.67 0.89
N ASP A 81 16.05 1.33 2.12
CA ASP A 81 15.33 1.76 3.30
C ASP A 81 16.15 2.85 4.03
N ALA A 82 15.85 4.11 3.72
CA ALA A 82 16.48 5.25 4.38
C ALA A 82 16.20 5.35 5.90
N LEU A 83 15.06 4.80 6.35
CA LEU A 83 14.75 4.83 7.76
C LEU A 83 15.50 3.77 8.58
N ALA A 84 16.22 2.88 7.89
CA ALA A 84 17.09 1.92 8.55
C ALA A 84 18.56 2.40 8.58
N ASP A 85 18.83 3.62 8.12
CA ASP A 85 20.19 4.14 8.00
C ASP A 85 20.28 5.56 8.57
N PRO A 86 20.64 5.67 9.86
CA PRO A 86 20.74 6.97 10.48
C PRO A 86 21.57 7.97 9.71
N LYS A 87 22.62 7.55 9.03
CA LYS A 87 23.42 8.56 8.28
C LYS A 87 22.63 9.26 7.19
N ILE A 88 21.64 8.55 6.61
CA ILE A 88 20.73 9.13 5.63
C ILE A 88 19.61 9.93 6.32
N CYS A 89 18.84 9.30 7.20
CA CYS A 89 17.68 10.00 7.73
C CYS A 89 18.08 11.25 8.52
N LEU A 90 19.19 11.17 9.28
CA LEU A 90 19.65 12.28 10.08
C LEU A 90 20.21 13.42 9.21
N ARG A 91 20.68 13.11 8.00
CA ARG A 91 21.01 14.18 7.02
C ARG A 91 19.78 14.93 6.60
N ASP A 92 18.72 14.19 6.28
CA ASP A 92 17.55 14.76 5.62
C ASP A 92 16.55 15.38 6.55
N ILE A 93 16.43 14.88 7.78
CA ILE A 93 15.42 15.46 8.69
C ILE A 93 15.49 16.99 8.87
N PRO A 94 16.71 17.59 9.02
CA PRO A 94 16.81 19.06 9.09
C PRO A 94 16.19 19.79 7.87
N PHE A 95 16.36 19.22 6.69
CA PHE A 95 15.74 19.73 5.46
C PHE A 95 14.24 19.53 5.43
N LEU A 96 13.79 18.37 5.90
CA LEU A 96 12.37 18.13 6.07
C LEU A 96 11.71 19.12 7.06
N LYS A 97 12.44 19.44 8.15
CA LYS A 97 12.00 20.44 9.11
C LYS A 97 11.87 21.80 8.44
N MET A 98 12.89 22.19 7.68
CA MET A 98 12.85 23.43 6.89
C MET A 98 11.62 23.52 6.00
N LEU A 99 11.27 22.41 5.34
CA LEU A 99 10.07 22.37 4.49
C LEU A 99 8.79 22.58 5.27
N GLY A 100 8.77 22.23 6.55
CA GLY A 100 7.60 22.39 7.41
C GLY A 100 6.61 21.22 7.37
N VAL A 101 7.10 20.05 7.01
CA VAL A 101 6.23 18.87 6.92
C VAL A 101 6.01 18.24 8.28
N ASN A 102 4.83 17.64 8.47
CA ASN A 102 4.56 16.80 9.64
C ASN A 102 4.37 15.32 9.27
N THR A 103 4.53 14.92 8.02
CA THR A 103 4.33 13.54 7.61
C THR A 103 5.22 13.18 6.41
N LEU A 104 5.73 11.93 6.41
CA LEU A 104 6.36 11.36 5.25
C LEU A 104 5.50 10.24 4.76
N ARG A 105 5.50 10.03 3.45
CA ARG A 105 5.13 8.72 2.88
C ARG A 105 6.38 7.91 2.51
N VAL A 106 6.45 6.68 3.04
CA VAL A 106 7.53 5.76 2.75
C VAL A 106 6.90 4.53 2.08
N TYR A 107 7.39 4.17 0.89
CA TYR A 107 6.81 3.11 0.07
C TYR A 107 7.39 1.72 0.41
N ALA A 108 8.60 1.67 1.03
CA ALA A 108 9.15 0.35 1.32
C ALA A 108 10.12 0.46 2.45
N ILE A 109 9.99 -0.41 3.45
CA ILE A 109 11.04 -0.64 4.50
C ILE A 109 11.48 -2.11 4.46
N ASP A 110 12.67 -2.36 4.94
CA ASP A 110 13.22 -3.71 5.14
C ASP A 110 12.85 -4.08 6.58
N PRO A 111 11.88 -5.01 6.79
CA PRO A 111 11.46 -5.32 8.14
C PRO A 111 12.50 -6.01 9.01
N THR A 112 13.61 -6.48 8.43
CA THR A 112 14.65 -7.18 9.20
C THR A 112 15.61 -6.22 9.90
N LYS A 113 15.50 -4.93 9.61
CA LYS A 113 16.41 -3.90 10.14
C LYS A 113 15.67 -3.09 11.17
N SER A 114 16.43 -2.48 12.07
CA SER A 114 15.86 -1.64 13.12
C SER A 114 15.49 -0.28 12.54
N HIS A 115 14.46 0.35 13.10
CA HIS A 115 14.05 1.71 12.66
C HIS A 115 13.90 2.69 13.80
N ASP A 116 14.30 2.35 15.02
CA ASP A 116 13.96 3.26 16.15
C ASP A 116 14.71 4.57 16.13
N ILE A 117 15.98 4.55 15.71
CA ILE A 117 16.79 5.81 15.65
C ILE A 117 16.10 6.83 14.74
N CYS A 118 15.78 6.41 13.51
CA CYS A 118 15.13 7.32 12.56
C CYS A 118 13.71 7.68 12.96
N MET A 119 12.93 6.70 13.40
CA MET A 119 11.59 7.02 13.89
C MET A 119 11.60 7.98 15.08
N GLU A 120 12.54 7.80 16.02
CA GLU A 120 12.65 8.73 17.14
C GLU A 120 13.09 10.11 16.70
N ALA A 121 13.99 10.16 15.72
CA ALA A 121 14.45 11.45 15.25
C ALA A 121 13.33 12.22 14.55
N LEU A 122 12.52 11.51 13.78
CA LEU A 122 11.33 12.12 13.14
C LEU A 122 10.33 12.60 14.18
N SER A 123 10.12 11.75 15.18
CA SER A 123 9.25 12.15 16.29
C SER A 123 9.68 13.45 16.98
N ALA A 124 10.98 13.60 17.21
CA ALA A 124 11.55 14.83 17.82
C ALA A 124 11.26 16.09 17.03
N GLU A 125 10.97 15.98 15.73
CA GLU A 125 10.54 17.12 14.91
C GLU A 125 9.06 17.15 14.59
N GLY A 126 8.28 16.38 15.33
CA GLY A 126 6.85 16.31 15.12
C GLY A 126 6.39 15.63 13.84
N MET A 127 7.21 14.72 13.30
CA MET A 127 6.92 14.05 12.03
C MET A 127 6.40 12.62 12.19
N TYR A 128 5.36 12.34 11.42
CA TYR A 128 4.68 11.04 11.36
C TYR A 128 5.01 10.32 10.03
N VAL A 129 4.73 9.02 9.96
CA VAL A 129 5.00 8.23 8.76
C VAL A 129 3.75 7.47 8.29
N LEU A 130 3.40 7.66 7.02
CA LEU A 130 2.47 6.76 6.28
C LEU A 130 3.30 5.76 5.48
N LEU A 131 3.01 4.46 5.65
CA LEU A 131 3.86 3.40 5.12
C LEU A 131 3.10 2.34 4.34
N ASP A 132 3.49 2.12 3.09
CA ASP A 132 3.02 1.01 2.31
C ASP A 132 3.53 -0.29 2.90
N LEU A 133 2.66 -1.30 2.89
CA LEU A 133 3.03 -2.63 3.38
C LEU A 133 3.77 -3.48 2.36
N SER A 134 3.55 -3.19 1.09
CA SER A 134 4.10 -3.95 -0.03
C SER A 134 5.44 -3.43 -0.48
N GLU A 135 6.04 -4.13 -1.44
CA GLU A 135 7.27 -3.65 -2.09
C GLU A 135 7.26 -4.17 -3.51
N PRO A 136 8.09 -3.60 -4.40
CA PRO A 136 7.91 -3.95 -5.82
C PRO A 136 7.85 -5.43 -6.21
N ASP A 137 8.60 -6.28 -5.52
CA ASP A 137 8.65 -7.70 -5.78
C ASP A 137 7.72 -8.55 -4.92
N ILE A 138 7.08 -7.95 -3.93
CA ILE A 138 6.01 -8.60 -3.15
C ILE A 138 4.80 -7.63 -3.03
N SER A 139 3.97 -7.63 -4.08
CA SER A 139 2.75 -6.81 -4.14
C SER A 139 1.66 -7.66 -4.81
N ILE A 140 0.41 -7.25 -4.65
CA ILE A 140 -0.73 -7.83 -5.40
C ILE A 140 -0.51 -7.47 -6.88
N ASN A 141 -0.26 -8.49 -7.69
CA ASN A 141 0.05 -8.29 -9.11
C ASN A 141 -1.24 -7.89 -9.85
N ARG A 142 -1.34 -6.63 -10.25
CA ARG A 142 -2.59 -6.17 -10.86
C ARG A 142 -2.95 -6.91 -12.15
N GLU A 143 -2.00 -7.54 -12.86
CA GLU A 143 -2.39 -8.28 -14.06
C GLU A 143 -2.57 -9.80 -13.83
N ASN A 144 -2.28 -10.28 -12.63
CA ASN A 144 -2.56 -11.68 -12.30
C ASN A 144 -2.72 -11.74 -10.76
N PRO A 145 -3.83 -11.18 -10.26
CA PRO A 145 -3.90 -10.91 -8.82
C PRO A 145 -4.13 -12.14 -7.96
N SER A 146 -3.44 -12.17 -6.84
CA SER A 146 -3.62 -13.21 -5.84
C SER A 146 -3.55 -12.52 -4.49
N TRP A 147 -4.19 -13.10 -3.49
CA TRP A 147 -3.99 -12.71 -2.10
C TRP A 147 -3.61 -13.99 -1.36
N ASP A 148 -2.34 -14.07 -0.98
CA ASP A 148 -1.76 -15.36 -0.59
C ASP A 148 -0.81 -15.22 0.58
N VAL A 149 -0.37 -16.38 1.07
CA VAL A 149 0.51 -16.44 2.26
C VAL A 149 1.83 -15.69 2.08
N HIS A 150 2.38 -15.67 0.89
CA HIS A 150 3.65 -14.96 0.64
C HIS A 150 3.48 -13.43 0.81
N ILE A 151 2.45 -12.88 0.18
CA ILE A 151 2.20 -11.44 0.29
C ILE A 151 1.71 -11.09 1.71
N PHE A 152 0.89 -11.96 2.30
CA PHE A 152 0.39 -11.69 3.65
C PHE A 152 1.54 -11.70 4.67
N GLU A 153 2.48 -12.62 4.49
CA GLU A 153 3.67 -12.69 5.34
C GLU A 153 4.45 -11.39 5.26
N ARG A 154 4.64 -10.84 4.05
CA ARG A 154 5.28 -9.51 3.93
C ARG A 154 4.57 -8.43 4.75
N TYR A 155 3.27 -8.37 4.57
CA TYR A 155 2.47 -7.39 5.27
C TYR A 155 2.64 -7.54 6.79
N LYS A 156 2.54 -8.77 7.31
CA LYS A 156 2.72 -9.01 8.74
C LYS A 156 4.10 -8.60 9.21
N SER A 157 5.09 -8.86 8.39
CA SER A 157 6.46 -8.54 8.72
C SER A 157 6.65 -7.03 8.90
N VAL A 158 6.06 -6.27 8.00
CA VAL A 158 6.12 -4.84 8.10
C VAL A 158 5.39 -4.35 9.33
N ILE A 159 4.18 -4.87 9.57
CA ILE A 159 3.38 -4.46 10.72
C ILE A 159 4.15 -4.71 12.04
N ASP A 160 4.80 -5.86 12.10
CA ASP A 160 5.53 -6.22 13.31
C ASP A 160 6.80 -5.43 13.51
N ALA A 161 7.40 -4.99 12.41
CA ALA A 161 8.57 -4.13 12.48
C ALA A 161 8.29 -2.68 12.88
N MET A 162 7.11 -2.16 12.52
CA MET A 162 6.83 -0.75 12.57
C MET A 162 5.73 -0.29 13.54
N SER A 163 4.97 -1.20 14.13
CA SER A 163 3.78 -0.76 14.91
C SER A 163 4.06 -0.25 16.31
N SER A 164 5.28 -0.45 16.83
CA SER A 164 5.68 0.11 18.15
C SER A 164 5.83 1.64 18.19
N PHE A 165 5.95 2.27 17.03
CA PHE A 165 6.17 3.71 16.97
C PHE A 165 4.84 4.47 16.98
N PRO A 166 4.62 5.38 17.97
CA PRO A 166 3.39 6.18 18.02
C PRO A 166 3.21 7.12 16.83
N ASN A 167 4.31 7.45 16.18
CA ASN A 167 4.28 8.31 15.01
C ASN A 167 4.12 7.55 13.70
N LEU A 168 3.77 6.25 13.76
CA LEU A 168 3.32 5.55 12.55
C LEU A 168 1.84 5.91 12.36
N LEU A 169 1.53 6.77 11.37
CA LEU A 169 0.17 7.31 11.19
C LEU A 169 -0.81 6.26 10.64
N GLY A 170 -0.35 5.53 9.62
CA GLY A 170 -1.13 4.47 9.00
C GLY A 170 -0.37 3.67 7.95
N TYR A 171 -0.98 2.55 7.58
CA TYR A 171 -0.43 1.61 6.60
C TYR A 171 -1.28 1.66 5.35
N PHE A 172 -0.65 1.58 4.17
CA PHE A 172 -1.37 1.34 2.92
C PHE A 172 -1.31 -0.15 2.56
N ALA A 173 -2.47 -0.75 2.28
CA ALA A 173 -2.59 -2.12 1.84
C ALA A 173 -2.40 -2.38 0.32
N GLY A 174 -2.14 -1.31 -0.42
CA GLY A 174 -1.99 -1.38 -1.89
C GLY A 174 -1.80 0.03 -2.40
N ASN A 175 -1.13 0.14 -3.55
CA ASN A 175 -0.94 1.40 -4.25
C ASN A 175 -1.30 1.21 -5.71
N GLU A 176 -2.36 1.89 -6.16
CA GLU A 176 -2.79 1.87 -7.59
C GLU A 176 -2.83 0.45 -8.20
N VAL A 177 -3.49 -0.48 -7.53
CA VAL A 177 -3.46 -1.87 -7.95
C VAL A 177 -4.36 -1.98 -9.19
N THR A 178 -5.67 -1.89 -8.99
CA THR A 178 -6.54 -1.49 -10.14
C THR A 178 -6.12 -0.09 -10.53
N ASN A 179 -5.82 0.12 -11.82
CA ASN A 179 -5.54 1.49 -12.29
C ASN A 179 -6.29 1.91 -13.54
N ASP A 180 -7.06 1.00 -14.12
CA ASP A 180 -7.96 1.34 -15.20
C ASP A 180 -9.07 0.31 -15.32
N HIS A 181 -9.90 0.46 -16.34
CA HIS A 181 -11.05 -0.44 -16.50
C HIS A 181 -10.73 -1.91 -16.90
N THR A 182 -9.47 -2.25 -17.21
CA THR A 182 -9.05 -3.60 -17.63
C THR A 182 -8.55 -4.47 -16.48
N ASN A 183 -8.46 -3.92 -15.27
CA ASN A 183 -7.94 -4.70 -14.15
C ASN A 183 -8.69 -4.44 -12.85
N THR A 184 -9.97 -4.13 -12.98
CA THR A 184 -10.83 -3.84 -11.81
C THR A 184 -11.00 -5.06 -10.90
N PHE A 185 -10.83 -6.24 -11.48
CA PHE A 185 -10.95 -7.52 -10.78
C PHE A 185 -9.79 -7.72 -9.78
N ALA A 186 -8.74 -6.89 -9.78
CA ALA A 186 -7.72 -6.95 -8.71
C ALA A 186 -8.23 -6.41 -7.36
N SER A 187 -9.22 -5.53 -7.40
CA SER A 187 -9.70 -4.84 -6.18
C SER A 187 -10.25 -5.76 -5.04
N PRO A 188 -10.94 -6.86 -5.37
CA PRO A 188 -11.34 -7.74 -4.23
C PRO A 188 -10.13 -8.28 -3.45
N PHE A 189 -9.01 -8.45 -4.12
CA PHE A 189 -7.81 -9.00 -3.46
C PHE A 189 -7.25 -7.95 -2.53
N VAL A 190 -7.30 -6.67 -2.93
CA VAL A 190 -6.84 -5.61 -2.08
C VAL A 190 -7.76 -5.46 -0.87
N LYS A 191 -9.07 -5.62 -1.08
CA LYS A 191 -10.01 -5.51 0.04
C LYS A 191 -9.80 -6.61 1.03
N ALA A 192 -9.54 -7.83 0.55
CA ALA A 192 -9.17 -8.96 1.46
C ALA A 192 -7.91 -8.63 2.27
N ALA A 193 -6.94 -8.01 1.60
CA ALA A 193 -5.68 -7.60 2.28
C ALA A 193 -5.91 -6.54 3.36
N ILE A 194 -6.81 -5.58 3.10
CA ILE A 194 -7.23 -4.59 4.12
C ILE A 194 -7.84 -5.29 5.33
N ARG A 195 -8.81 -6.16 5.06
CA ARG A 195 -9.49 -6.94 6.09
C ARG A 195 -8.47 -7.72 6.93
N ASP A 196 -7.59 -8.43 6.26
CA ASP A 196 -6.64 -9.31 6.97
C ASP A 196 -5.53 -8.58 7.70
N ALA A 197 -5.00 -7.50 7.12
CA ALA A 197 -4.09 -6.64 7.86
C ALA A 197 -4.74 -6.04 9.16
N LYS A 198 -5.96 -5.56 9.03
CA LYS A 198 -6.71 -4.99 10.18
C LYS A 198 -6.93 -6.06 11.24
N GLU A 199 -7.31 -7.25 10.79
CA GLU A 199 -7.54 -8.34 11.75
C GLU A 199 -6.23 -8.79 12.41
N TYR A 200 -5.14 -8.86 11.65
CA TYR A 200 -3.86 -9.24 12.23
C TYR A 200 -3.43 -8.22 13.31
N ILE A 201 -3.64 -6.92 13.04
CA ILE A 201 -3.33 -5.88 13.99
C ILE A 201 -4.27 -5.96 15.21
N SER A 202 -5.54 -6.23 14.95
CA SER A 202 -6.55 -6.33 16.03
C SER A 202 -6.15 -7.42 17.05
N HIS A 203 -5.68 -8.54 16.55
CA HIS A 203 -5.36 -9.71 17.38
C HIS A 203 -3.97 -9.62 17.99
N SER A 204 -3.13 -8.72 17.45
CA SER A 204 -1.81 -8.48 18.00
C SER A 204 -1.90 -7.59 19.26
N ASN A 205 -0.78 -7.43 19.95
CA ASN A 205 -0.69 -6.49 21.10
C ASN A 205 -0.44 -5.03 20.71
N HIS A 206 -0.33 -4.78 19.40
CA HIS A 206 -0.04 -3.43 18.91
C HIS A 206 -1.18 -2.43 19.07
N ARG A 207 -0.84 -1.13 19.17
CA ARG A 207 -1.79 -0.03 18.86
C ARG A 207 -2.52 -0.30 17.54
N LYS A 208 -3.80 0.02 17.47
CA LYS A 208 -4.59 -0.32 16.28
C LYS A 208 -4.40 0.75 15.19
N ILE A 209 -3.23 0.67 14.60
CA ILE A 209 -2.85 1.55 13.48
C ILE A 209 -3.82 1.29 12.32
N PRO A 210 -4.39 2.37 11.76
CA PRO A 210 -5.39 2.19 10.70
C PRO A 210 -4.71 1.75 9.40
N VAL A 211 -5.49 1.05 8.59
CA VAL A 211 -5.04 0.44 7.34
C VAL A 211 -5.96 0.98 6.24
N GLY A 212 -5.35 1.60 5.23
CA GLY A 212 -6.09 2.17 4.12
C GLY A 212 -5.53 1.80 2.75
N TYR A 213 -5.85 2.64 1.75
CA TYR A 213 -5.50 2.35 0.38
C TYR A 213 -5.12 3.63 -0.33
N SER A 214 -4.21 3.53 -1.31
CA SER A 214 -3.80 4.65 -2.15
C SER A 214 -4.18 4.33 -3.60
N THR A 215 -4.97 5.22 -4.21
CA THR A 215 -5.52 5.02 -5.54
C THR A 215 -4.95 6.02 -6.53
N ASN A 216 -5.04 5.68 -7.82
CA ASN A 216 -4.67 6.62 -8.90
C ASN A 216 -5.87 7.54 -9.25
N ASP A 217 -5.90 8.17 -10.43
CA ASP A 217 -6.93 9.14 -10.73
C ASP A 217 -7.43 8.95 -12.16
N ASP A 218 -7.81 7.72 -12.49
CA ASP A 218 -8.37 7.34 -13.80
C ASP A 218 -9.88 7.64 -13.84
N ALA A 219 -10.29 8.38 -14.87
CA ALA A 219 -11.63 8.95 -14.87
C ALA A 219 -12.69 7.87 -14.91
N MET A 220 -12.46 6.82 -15.70
CA MET A 220 -13.49 5.79 -15.86
C MET A 220 -13.67 4.95 -14.61
N THR A 221 -12.64 4.85 -13.77
CA THR A 221 -12.67 4.00 -12.56
C THR A 221 -12.78 4.69 -11.19
N ARG A 222 -12.50 5.98 -11.10
CA ARG A 222 -12.31 6.58 -9.80
C ARG A 222 -13.52 6.54 -8.84
N ASP A 223 -14.71 6.82 -9.35
CA ASP A 223 -15.88 6.83 -8.48
C ASP A 223 -16.19 5.42 -7.96
N ASN A 224 -16.16 4.44 -8.85
CA ASN A 224 -16.39 3.02 -8.47
C ASN A 224 -15.33 2.51 -7.49
N LEU A 225 -14.07 2.89 -7.70
CA LEU A 225 -13.04 2.49 -6.74
C LEU A 225 -13.33 3.07 -5.35
N ALA A 226 -13.69 4.34 -5.28
CA ALA A 226 -13.87 4.99 -3.98
C ALA A 226 -15.06 4.35 -3.25
N ARG A 227 -16.12 4.05 -3.99
CA ARG A 227 -17.30 3.39 -3.39
C ARG A 227 -16.97 1.94 -2.99
N TYR A 228 -16.24 1.23 -3.83
CA TYR A 228 -15.85 -0.16 -3.59
C TYR A 228 -15.11 -0.30 -2.26
N PHE A 229 -14.22 0.65 -1.94
CA PHE A 229 -13.34 0.49 -0.76
C PHE A 229 -14.02 0.87 0.54
N VAL A 230 -15.27 1.34 0.47
CA VAL A 230 -16.12 1.50 1.66
C VAL A 230 -17.45 0.74 1.62
N CYS A 231 -17.61 -0.17 0.66
CA CYS A 231 -18.85 -0.91 0.50
C CYS A 231 -18.86 -2.26 1.25
N GLY A 232 -20.05 -2.79 1.47
CA GLY A 232 -20.20 -4.09 2.07
C GLY A 232 -19.66 -4.12 3.50
N ASP A 233 -19.03 -5.24 3.87
CA ASP A 233 -18.62 -5.51 5.26
C ASP A 233 -17.18 -5.15 5.59
N VAL A 234 -16.35 -4.86 4.59
CA VAL A 234 -14.94 -4.58 4.78
C VAL A 234 -14.72 -3.17 4.23
N LYS A 235 -14.05 -2.33 4.98
CA LYS A 235 -13.83 -0.96 4.57
C LYS A 235 -12.36 -0.61 4.78
N ALA A 236 -11.81 0.18 3.85
CA ALA A 236 -10.56 0.89 4.15
C ALA A 236 -10.76 1.80 5.35
N ASP A 237 -9.72 2.03 6.13
CA ASP A 237 -9.82 3.02 7.23
C ASP A 237 -9.68 4.45 6.77
N PHE A 238 -8.92 4.65 5.69
CA PHE A 238 -8.67 5.96 5.13
C PHE A 238 -8.34 5.75 3.65
N TYR A 239 -8.41 6.82 2.86
CA TYR A 239 -8.31 6.70 1.40
C TYR A 239 -7.44 7.84 0.84
N GLY A 240 -6.31 7.49 0.24
CA GLY A 240 -5.39 8.47 -0.37
C GLY A 240 -5.54 8.40 -1.89
N ILE A 241 -5.59 9.56 -2.53
CA ILE A 241 -5.59 9.61 -4.01
C ILE A 241 -4.28 10.25 -4.44
N ASN A 242 -3.64 9.68 -5.45
CA ASN A 242 -2.44 10.27 -6.04
C ASN A 242 -2.92 11.25 -7.08
N MET A 243 -2.87 12.55 -6.75
CA MET A 243 -3.67 13.61 -7.38
C MET A 243 -2.74 14.60 -8.07
N TYR A 244 -2.79 14.60 -9.40
CA TYR A 244 -1.91 15.43 -10.24
C TYR A 244 -2.72 16.33 -11.18
N GLU A 245 -3.95 16.64 -10.84
CA GLU A 245 -4.81 17.43 -11.76
C GLU A 245 -4.45 18.90 -11.83
N TRP A 246 -3.95 19.45 -10.73
CA TRP A 246 -3.49 20.85 -10.65
C TRP A 246 -2.07 21.03 -11.18
N CYS A 247 -1.90 21.71 -12.32
CA CYS A 247 -0.55 21.93 -12.84
C CYS A 247 -0.32 23.42 -13.00
N GLY A 248 0.87 23.86 -12.61
CA GLY A 248 1.23 25.28 -12.72
C GLY A 248 0.31 26.21 -11.95
N TYR A 249 0.03 27.37 -12.54
CA TYR A 249 -0.72 28.40 -11.84
C TYR A 249 -2.23 28.21 -12.08
N SER A 250 -2.76 27.07 -11.63
CA SER A 250 -4.13 26.69 -11.90
C SER A 250 -5.06 27.31 -10.87
N THR A 251 -6.32 26.91 -10.85
CA THR A 251 -7.25 27.38 -9.83
C THR A 251 -8.11 26.22 -9.32
N TYR A 252 -8.73 26.43 -8.17
CA TYR A 252 -9.68 25.47 -7.56
C TYR A 252 -10.72 24.98 -8.57
N GLY A 253 -11.34 25.94 -9.24
CA GLY A 253 -12.35 25.65 -10.26
C GLY A 253 -11.84 24.97 -11.52
N THR A 254 -10.76 25.46 -12.09
CA THR A 254 -10.28 24.92 -13.35
C THR A 254 -9.43 23.65 -13.25
N SER A 255 -8.80 23.40 -12.10
CA SER A 255 -7.95 22.21 -11.95
C SER A 255 -8.72 20.90 -11.98
N GLY A 256 -9.96 20.92 -11.50
CA GLY A 256 -10.70 19.69 -11.18
C GLY A 256 -10.91 19.52 -9.69
N TYR A 257 -10.17 20.27 -8.86
CA TYR A 257 -10.25 20.16 -7.39
C TYR A 257 -11.65 20.46 -6.83
N ARG A 258 -12.33 21.46 -7.40
CA ARG A 258 -13.71 21.73 -6.94
C ARG A 258 -14.62 20.54 -7.18
N GLU A 259 -14.54 19.92 -8.35
CA GLU A 259 -15.42 18.78 -8.63
C GLU A 259 -15.05 17.54 -7.79
N ARG A 260 -13.74 17.29 -7.62
CA ARG A 260 -13.28 16.20 -6.71
C ARG A 260 -13.78 16.41 -5.27
N THR A 261 -13.71 17.66 -4.81
CA THR A 261 -14.14 18.04 -3.45
C THR A 261 -15.64 17.83 -3.29
N LYS A 262 -16.39 18.23 -4.31
CA LYS A 262 -17.84 17.96 -4.34
C LYS A 262 -18.15 16.47 -4.27
N GLU A 263 -17.46 15.65 -5.07
CA GLU A 263 -17.73 14.21 -5.08
C GLU A 263 -17.32 13.49 -3.76
N PHE A 264 -16.24 13.93 -3.11
CA PHE A 264 -15.84 13.31 -1.81
C PHE A 264 -16.56 13.86 -0.56
N GLU A 265 -17.38 14.89 -0.72
CA GLU A 265 -18.15 15.45 0.39
C GLU A 265 -19.03 14.37 1.02
N GLY A 266 -18.87 14.15 2.32
CA GLY A 266 -19.62 13.11 3.05
C GLY A 266 -19.08 11.69 2.94
N TYR A 267 -17.96 11.47 2.22
CA TYR A 267 -17.31 10.15 2.18
C TYR A 267 -17.01 9.73 3.62
N PRO A 268 -17.27 8.47 3.97
CA PRO A 268 -17.30 8.13 5.40
C PRO A 268 -15.96 7.96 6.14
N ILE A 269 -14.85 7.95 5.41
CA ILE A 269 -13.52 7.79 5.98
C ILE A 269 -12.63 8.98 5.60
N PRO A 270 -11.55 9.21 6.35
CA PRO A 270 -10.69 10.32 5.99
C PRO A 270 -10.10 10.16 4.58
N VAL A 271 -10.00 11.28 3.87
CA VAL A 271 -9.52 11.27 2.50
C VAL A 271 -8.46 12.36 2.36
N PHE A 272 -7.44 12.09 1.55
CA PHE A 272 -6.33 13.03 1.41
C PHE A 272 -5.61 12.72 0.12
N PHE A 273 -4.70 13.58 -0.28
CA PHE A 273 -3.88 13.35 -1.48
C PHE A 273 -2.63 12.60 -1.03
N SER A 274 -2.55 11.31 -1.33
CA SER A 274 -1.40 10.48 -0.97
C SER A 274 -0.19 10.85 -1.81
N GLU A 275 -0.41 11.51 -2.96
CA GLU A 275 0.64 12.18 -3.73
C GLU A 275 0.01 13.42 -4.33
N PHE A 276 0.84 14.45 -4.53
CA PHE A 276 0.46 15.62 -5.39
C PHE A 276 1.70 16.30 -5.88
N GLY A 277 1.58 17.11 -6.94
CA GLY A 277 2.76 17.81 -7.44
C GLY A 277 3.07 17.65 -8.90
N CYS A 278 2.08 17.98 -9.71
CA CYS A 278 2.24 17.94 -11.14
C CYS A 278 3.40 18.83 -11.50
N ASN A 279 4.30 18.34 -12.34
CA ASN A 279 5.52 19.06 -12.70
C ASN A 279 5.49 19.62 -14.13
N LEU A 280 4.30 19.76 -14.72
CA LEU A 280 4.17 20.24 -16.12
C LEU A 280 4.87 21.61 -16.29
N VAL A 281 4.58 22.48 -15.35
CA VAL A 281 5.17 23.82 -15.26
C VAL A 281 6.21 23.85 -14.14
N ARG A 282 7.44 24.26 -14.46
CA ARG A 282 8.51 24.37 -13.45
C ARG A 282 9.06 25.82 -13.31
N PRO A 283 9.72 26.17 -12.20
CA PRO A 283 9.70 25.38 -10.95
C PRO A 283 8.28 25.28 -10.41
N ARG A 284 7.89 24.13 -9.86
CA ARG A 284 6.56 23.97 -9.36
C ARG A 284 6.22 25.07 -8.36
N PRO A 285 5.12 25.80 -8.62
CA PRO A 285 4.74 26.85 -7.67
C PRO A 285 4.06 26.27 -6.46
N PHE A 286 3.52 25.06 -6.59
CA PHE A 286 2.75 24.40 -5.54
C PHE A 286 1.56 25.21 -5.02
N THR A 287 0.92 26.01 -5.89
CA THR A 287 -0.22 26.83 -5.42
C THR A 287 -1.46 26.00 -5.07
N GLU A 288 -1.45 24.72 -5.41
CA GLU A 288 -2.53 23.81 -5.03
C GLU A 288 -2.61 23.66 -3.51
N VAL A 289 -1.47 23.86 -2.85
CA VAL A 289 -1.40 23.84 -1.40
C VAL A 289 -2.35 24.92 -0.81
N SER A 290 -2.39 26.13 -1.38
CA SER A 290 -3.32 27.17 -0.85
C SER A 290 -4.77 26.73 -0.94
N ALA A 291 -5.15 26.07 -2.03
CA ALA A 291 -6.49 25.49 -2.20
C ALA A 291 -6.77 24.32 -1.23
N LEU A 292 -5.83 23.40 -1.13
CA LEU A 292 -6.02 22.18 -0.32
C LEU A 292 -6.28 22.46 1.19
N TYR A 293 -5.63 23.50 1.71
CA TYR A 293 -5.82 23.88 3.12
C TYR A 293 -6.76 25.07 3.36
N GLY A 294 -7.34 25.60 2.28
CA GLY A 294 -8.36 26.64 2.36
C GLY A 294 -9.67 26.12 2.91
N ASN A 295 -10.62 27.02 3.19
CA ASN A 295 -11.87 26.65 3.89
C ASN A 295 -12.77 25.65 3.16
N LYS A 296 -12.83 25.80 1.85
CA LYS A 296 -13.61 24.91 1.01
C LYS A 296 -13.10 23.47 0.98
N MET A 297 -11.78 23.28 0.87
CA MET A 297 -11.20 21.92 0.84
C MET A 297 -10.88 21.32 2.21
N SER A 298 -10.57 22.18 3.19
CA SER A 298 -10.23 21.66 4.53
C SER A 298 -11.41 21.04 5.27
N SER A 299 -12.66 21.32 4.86
CA SER A 299 -13.82 20.61 5.46
C SER A 299 -14.02 19.18 4.93
N VAL A 300 -13.41 18.86 3.78
CA VAL A 300 -13.52 17.56 3.12
C VAL A 300 -12.20 16.77 3.24
N TRP A 301 -11.09 17.41 2.88
CA TRP A 301 -9.81 16.72 2.77
C TRP A 301 -8.97 16.85 4.01
N SER A 302 -8.21 15.80 4.32
CA SER A 302 -7.30 15.80 5.46
C SER A 302 -5.85 16.14 5.10
N GLY A 303 -5.64 16.88 4.01
CA GLY A 303 -4.32 17.34 3.61
C GLY A 303 -3.74 16.48 2.51
N GLY A 304 -2.40 16.39 2.47
CA GLY A 304 -1.72 15.69 1.39
C GLY A 304 -0.23 15.70 1.50
N LEU A 305 0.41 14.90 0.65
CA LEU A 305 1.86 14.71 0.64
C LEU A 305 2.38 15.00 -0.75
N ALA A 306 3.28 15.97 -0.85
CA ALA A 306 3.98 16.24 -2.11
C ALA A 306 4.84 15.06 -2.56
N TYR A 307 4.93 14.87 -3.88
CA TYR A 307 5.81 13.86 -4.45
C TYR A 307 6.90 14.61 -5.20
N MET A 308 8.17 14.57 -4.80
CA MET A 308 8.69 13.93 -3.55
C MET A 308 9.93 14.66 -3.10
N TYR A 309 10.56 14.15 -2.03
CA TYR A 309 11.83 14.72 -1.56
C TYR A 309 13.01 14.61 -2.50
N PHE A 310 13.43 13.38 -2.83
CA PHE A 310 14.60 13.16 -3.71
C PHE A 310 14.32 13.35 -5.20
N GLU A 311 15.26 14.01 -5.86
CA GLU A 311 15.31 14.13 -7.32
C GLU A 311 16.05 12.93 -7.87
N GLU A 312 15.36 12.20 -8.75
CA GLU A 312 15.84 10.95 -9.34
C GLU A 312 15.64 10.94 -10.87
N GLU A 313 16.16 11.97 -11.55
CA GLU A 313 16.14 12.09 -13.03
C GLU A 313 14.72 12.02 -13.59
N ASN A 314 13.76 12.44 -12.77
CA ASN A 314 12.35 12.37 -13.10
C ASN A 314 11.67 13.72 -12.91
N GLU A 315 12.48 14.75 -12.66
CA GLU A 315 12.04 16.07 -12.31
C GLU A 315 10.92 16.08 -11.23
N TYR A 316 10.99 15.20 -10.21
CA TYR A 316 9.99 15.25 -9.11
C TYR A 316 10.52 15.65 -7.70
N GLY A 317 11.85 15.74 -7.56
CA GLY A 317 12.44 16.06 -6.26
C GLY A 317 12.37 17.53 -5.89
N VAL A 318 12.58 17.81 -4.60
CA VAL A 318 12.86 19.18 -4.10
C VAL A 318 14.30 19.37 -3.64
N VAL A 319 15.05 18.26 -3.53
CA VAL A 319 16.50 18.29 -3.32
C VAL A 319 17.14 17.25 -4.20
N LYS A 320 18.42 17.44 -4.46
CA LYS A 320 19.20 16.49 -5.19
C LYS A 320 20.39 16.14 -4.32
N ILE A 321 20.69 14.85 -4.19
CA ILE A 321 21.88 14.41 -3.42
C ILE A 321 23.08 14.37 -4.37
N ASN A 322 24.12 15.13 -4.06
CA ASN A 322 25.28 15.24 -4.95
C ASN A 322 26.21 14.03 -4.80
N ASP A 323 27.26 14.00 -5.61
CA ASP A 323 28.25 12.92 -5.54
C ASP A 323 29.00 12.84 -4.21
N ASN A 324 29.04 13.94 -3.47
CA ASN A 324 29.62 13.99 -2.11
C ASN A 324 28.56 13.71 -1.00
N ASP A 325 27.40 13.17 -1.39
CA ASP A 325 26.30 12.79 -0.47
C ASP A 325 25.67 13.93 0.33
N GLY A 326 25.94 15.17 -0.10
CA GLY A 326 25.35 16.35 0.49
C GLY A 326 24.01 16.63 -0.19
N VAL A 327 23.22 17.47 0.47
CA VAL A 327 21.91 17.90 -0.02
C VAL A 327 22.06 19.22 -0.77
N ASP A 328 21.70 19.24 -2.06
CA ASP A 328 21.55 20.49 -2.80
C ASP A 328 20.08 20.74 -3.02
N ILE A 329 19.61 21.89 -2.53
CA ILE A 329 18.22 22.30 -2.60
C ILE A 329 17.88 22.78 -4.02
N LEU A 330 16.76 22.32 -4.55
CA LEU A 330 16.36 22.62 -5.93
C LEU A 330 15.32 23.73 -5.95
N PRO A 331 15.06 24.35 -7.13
CA PRO A 331 14.18 25.53 -7.16
C PRO A 331 12.75 25.37 -6.61
N ASP A 332 12.22 24.14 -6.63
CA ASP A 332 10.90 23.81 -6.05
C ASP A 332 10.83 24.00 -4.53
N PHE A 333 11.96 23.81 -3.86
CA PHE A 333 12.00 23.71 -2.39
C PHE A 333 11.37 24.94 -1.72
N LYS A 334 11.86 26.12 -2.08
CA LYS A 334 11.38 27.35 -1.43
C LYS A 334 9.89 27.56 -1.64
N ASN A 335 9.38 27.16 -2.81
CA ASN A 335 7.95 27.31 -3.12
C ASN A 335 7.06 26.42 -2.26
N LEU A 336 7.50 25.19 -2.03
CA LEU A 336 6.73 24.28 -1.20
C LEU A 336 6.79 24.75 0.26
N LYS A 337 7.99 25.11 0.72
CA LYS A 337 8.20 25.70 2.05
C LYS A 337 7.27 26.89 2.32
N LYS A 338 7.23 27.84 1.38
CA LYS A 338 6.41 29.02 1.54
C LYS A 338 4.94 28.69 1.60
N GLU A 339 4.50 27.79 0.72
CA GLU A 339 3.09 27.38 0.69
C GLU A 339 2.66 26.62 1.97
N PHE A 340 3.48 25.69 2.44
CA PHE A 340 3.19 24.98 3.72
C PHE A 340 3.21 25.94 4.92
N ALA A 341 4.14 26.90 4.92
CA ALA A 341 4.24 27.92 6.00
C ALA A 341 2.97 28.76 6.12
N LYS A 342 2.37 29.10 4.97
CA LYS A 342 1.13 29.88 4.90
C LYS A 342 -0.14 29.04 5.12
N ALA A 343 -0.07 27.74 4.87
CA ALA A 343 -1.23 26.88 5.07
C ALA A 343 -1.57 26.88 6.55
N ASP A 344 -2.85 27.12 6.87
CA ASP A 344 -3.31 27.18 8.26
C ASP A 344 -4.75 26.63 8.28
N PRO A 345 -4.91 25.30 8.10
CA PRO A 345 -6.25 24.74 7.95
C PRO A 345 -7.07 24.91 9.20
N LYS A 346 -8.32 25.33 9.04
CA LYS A 346 -9.26 25.47 10.14
C LYS A 346 -10.09 24.19 10.19
N GLY A 347 -9.84 23.39 11.21
CA GLY A 347 -10.53 22.11 11.37
C GLY A 347 -11.65 22.21 12.38
N ILE A 348 -11.92 21.08 13.02
CA ILE A 348 -12.85 21.04 14.14
C ILE A 348 -12.25 20.12 15.18
N THR A 349 -12.75 20.24 16.39
CA THR A 349 -12.28 19.44 17.49
C THR A 349 -13.07 18.13 17.54
N GLU A 350 -12.44 17.12 18.14
CA GLU A 350 -13.01 15.80 18.30
C GLU A 350 -14.35 15.82 19.07
N GLU A 351 -14.46 16.70 20.07
CA GLU A 351 -15.70 16.81 20.87
C GLU A 351 -16.87 17.48 20.14
N GLU A 352 -16.60 18.56 19.40
CA GLU A 352 -17.66 19.26 18.66
C GLU A 352 -18.15 18.47 17.45
N TYR A 353 -17.23 17.69 16.85
CA TYR A 353 -17.56 16.75 15.77
C TYR A 353 -18.55 15.70 16.21
N LEU A 354 -18.35 15.14 17.42
CA LEU A 354 -19.17 14.01 17.91
C LEU A 354 -20.66 14.34 18.05
N THR A 355 -20.98 15.62 18.28
CA THR A 355 -22.38 16.07 18.31
C THR A 355 -22.92 16.23 16.88
N GLU A 363 -26.07 0.26 8.44
CA GLU A 363 -26.22 0.76 7.06
C GLU A 363 -24.91 0.62 6.24
N SER A 364 -24.72 -0.56 5.65
CA SER A 364 -23.59 -0.79 4.75
C SER A 364 -23.84 -0.06 3.43
N VAL A 365 -22.78 0.45 2.82
CA VAL A 365 -22.91 1.12 1.51
C VAL A 365 -22.89 0.05 0.41
N GLU A 366 -23.74 0.24 -0.60
CA GLU A 366 -23.89 -0.74 -1.67
C GLU A 366 -22.64 -0.80 -2.58
N CYS A 367 -22.22 -2.02 -2.93
CA CYS A 367 -21.07 -2.17 -3.81
C CYS A 367 -21.48 -1.90 -5.25
N PRO A 368 -20.59 -1.27 -6.04
CA PRO A 368 -20.96 -1.00 -7.40
C PRO A 368 -21.38 -2.25 -8.15
N HIS A 369 -22.41 -2.15 -8.96
CA HIS A 369 -22.80 -3.28 -9.79
C HIS A 369 -21.74 -3.56 -10.86
N ILE A 370 -21.70 -4.82 -11.30
CA ILE A 370 -20.81 -5.34 -12.32
C ILE A 370 -21.33 -4.98 -13.71
N ALA A 371 -20.47 -4.43 -14.56
CA ALA A 371 -20.79 -4.20 -15.97
C ALA A 371 -19.55 -4.56 -16.78
N VAL A 372 -19.68 -5.46 -17.77
CA VAL A 372 -18.52 -6.00 -18.47
C VAL A 372 -17.72 -4.86 -19.15
N GLY A 373 -16.42 -4.84 -18.92
CA GLY A 373 -15.52 -3.80 -19.46
C GLY A 373 -15.53 -2.47 -18.76
N VAL A 374 -16.27 -2.34 -17.67
CA VAL A 374 -16.39 -1.09 -16.93
C VAL A 374 -16.01 -1.35 -15.48
N TRP A 375 -16.73 -2.26 -14.82
CA TRP A 375 -16.48 -2.61 -13.43
C TRP A 375 -16.73 -4.11 -13.20
N GLU A 376 -15.69 -4.80 -12.75
CA GLU A 376 -15.68 -6.26 -12.66
C GLU A 376 -15.09 -6.71 -11.32
N ALA A 377 -15.32 -5.95 -10.25
CA ALA A 377 -14.85 -6.35 -8.93
C ALA A 377 -16.02 -6.96 -8.16
N ASN A 378 -15.95 -8.26 -7.88
CA ASN A 378 -17.00 -8.95 -7.13
C ASN A 378 -17.03 -8.44 -5.70
N GLU A 379 -18.23 -8.39 -5.10
CA GLU A 379 -18.33 -8.06 -3.68
C GLU A 379 -17.69 -9.15 -2.82
N LYS A 380 -17.75 -10.40 -3.30
CA LYS A 380 -17.24 -11.55 -2.55
C LYS A 380 -15.72 -11.56 -2.64
N LEU A 381 -15.08 -11.74 -1.47
CA LEU A 381 -13.64 -11.60 -1.34
C LEU A 381 -12.97 -12.95 -1.10
N PRO A 382 -11.68 -13.09 -1.51
CA PRO A 382 -10.98 -14.32 -1.15
C PRO A 382 -10.86 -14.45 0.36
N GLU A 383 -10.69 -15.70 0.81
CA GLU A 383 -10.50 -16.00 2.22
C GLU A 383 -9.15 -15.55 2.74
N THR A 384 -9.06 -15.46 4.06
CA THR A 384 -7.81 -15.14 4.67
C THR A 384 -6.77 -16.22 4.39
N PRO A 385 -5.59 -15.85 3.87
CA PRO A 385 -4.61 -16.89 3.59
C PRO A 385 -4.21 -17.69 4.86
N ASP A 386 -4.13 -19.00 4.70
CA ASP A 386 -3.97 -19.95 5.80
C ASP A 386 -2.57 -20.60 5.74
N ARG A 387 -1.66 -20.05 6.51
CA ARG A 387 -0.25 -20.45 6.47
C ARG A 387 -0.07 -21.93 6.85
N SER A 388 -0.89 -22.44 7.77
CA SER A 388 -0.75 -23.83 8.24
C SER A 388 -1.28 -24.85 7.26
N LYS A 389 -2.40 -24.55 6.61
CA LYS A 389 -2.92 -25.38 5.55
C LYS A 389 -1.85 -25.46 4.48
N CYS A 390 -1.35 -24.30 4.08
CA CYS A 390 -0.38 -24.22 3.02
C CYS A 390 0.91 -24.88 3.42
N ALA A 391 1.34 -24.67 4.66
CA ALA A 391 2.54 -25.33 5.19
C ALA A 391 2.42 -26.88 5.17
N CYS A 392 1.22 -27.42 5.33
CA CYS A 392 0.92 -28.85 5.11
C CYS A 392 1.27 -29.38 3.74
N LEU A 393 1.18 -28.56 2.70
CA LEU A 393 1.62 -28.98 1.39
C LEU A 393 3.14 -29.21 1.39
N ASP A 394 3.87 -28.35 2.07
CA ASP A 394 5.30 -28.49 2.19
C ASP A 394 5.69 -29.81 2.85
N GLU A 395 4.89 -30.24 3.81
CA GLU A 395 5.14 -31.46 4.56
C GLU A 395 4.77 -32.76 3.83
N ILE A 396 3.57 -32.82 3.24
CA ILE A 396 3.01 -34.09 2.78
C ILE A 396 3.09 -34.38 1.29
N LEU A 397 3.34 -33.37 0.46
CA LEU A 397 3.32 -33.58 -0.98
C LEU A 397 4.48 -34.44 -1.47
N PRO A 398 4.22 -35.43 -2.36
CA PRO A 398 5.31 -36.27 -2.90
C PRO A 398 6.35 -35.53 -3.75
N CYS A 399 5.87 -34.53 -4.51
CA CYS A 399 6.67 -33.82 -5.49
C CYS A 399 6.60 -32.34 -5.24
N GLU A 400 7.76 -31.72 -5.07
CA GLU A 400 7.82 -30.33 -4.76
C GLU A 400 8.81 -29.65 -5.67
N ILE A 401 8.69 -28.33 -5.69
CA ILE A 401 9.54 -27.48 -6.50
C ILE A 401 10.04 -26.31 -5.65
N VAL A 402 11.35 -26.05 -5.72
CA VAL A 402 11.92 -24.90 -5.02
C VAL A 402 11.61 -23.64 -5.87
N PRO A 403 11.37 -22.50 -5.22
CA PRO A 403 10.93 -21.27 -5.93
C PRO A 403 11.87 -20.78 -7.05
N GLY A 409 9.91 -17.05 -16.28
CA GLY A 409 8.92 -17.60 -17.22
C GLY A 409 8.62 -19.09 -17.04
N LYS A 410 9.26 -19.72 -16.07
CA LYS A 410 9.02 -21.14 -15.86
C LYS A 410 7.62 -21.38 -15.27
N TYR A 411 7.11 -20.46 -14.45
CA TYR A 411 5.78 -20.63 -13.82
C TYR A 411 4.66 -20.73 -14.88
N GLU A 412 4.62 -19.77 -15.79
CA GLU A 412 3.73 -19.84 -16.97
C GLU A 412 3.85 -21.15 -17.74
N GLU A 413 5.07 -21.55 -18.09
CA GLU A 413 5.28 -22.80 -18.87
C GLU A 413 4.81 -24.01 -18.09
N TYR A 414 5.20 -24.08 -16.82
CA TYR A 414 4.87 -25.18 -15.93
C TYR A 414 3.39 -25.25 -15.58
N PHE A 415 2.77 -24.12 -15.27
CA PHE A 415 1.32 -24.11 -15.02
C PHE A 415 0.57 -24.50 -16.29
N SER A 416 0.95 -23.92 -17.44
CA SER A 416 0.32 -24.30 -18.70
C SER A 416 0.45 -25.80 -18.94
N TYR A 417 1.62 -26.36 -18.68
CA TYR A 417 1.85 -27.79 -18.91
C TYR A 417 1.04 -28.67 -17.94
N LEU A 418 1.20 -28.42 -16.64
CA LEU A 418 0.55 -29.30 -15.65
C LEU A 418 -0.96 -29.18 -15.68
N CYS A 419 -1.45 -27.95 -15.89
CA CYS A 419 -2.90 -27.70 -15.90
C CYS A 419 -3.63 -28.22 -17.16
N SER A 420 -2.89 -28.78 -18.14
CA SER A 420 -3.51 -29.56 -19.23
C SER A 420 -3.68 -31.05 -18.89
N LYS A 421 -3.08 -31.49 -17.78
CA LYS A 421 -3.04 -32.88 -17.37
C LYS A 421 -3.84 -33.15 -16.08
N VAL A 422 -3.94 -32.13 -15.24
CA VAL A 422 -4.72 -32.16 -14.03
C VAL A 422 -5.58 -30.90 -13.97
N ASP A 423 -6.57 -30.93 -13.10
CA ASP A 423 -7.52 -29.84 -12.99
C ASP A 423 -6.96 -28.88 -11.96
N CYS A 424 -6.54 -27.71 -12.44
CA CYS A 424 -6.00 -26.64 -11.57
C CYS A 424 -7.02 -25.69 -10.93
N SER A 425 -8.31 -26.00 -11.02
CA SER A 425 -9.35 -25.17 -10.42
C SER A 425 -9.03 -24.79 -8.96
N ASP A 426 -8.48 -25.76 -8.21
CA ASP A 426 -8.16 -25.56 -6.81
C ASP A 426 -7.14 -24.45 -6.47
N ILE A 427 -6.43 -23.96 -7.48
CA ILE A 427 -5.50 -22.86 -7.29
C ILE A 427 -5.89 -21.57 -8.00
N LEU A 428 -7.01 -21.56 -8.71
CA LEU A 428 -7.45 -20.36 -9.45
C LEU A 428 -8.19 -19.41 -8.55
N ALA A 429 -8.07 -18.13 -8.84
CA ALA A 429 -8.71 -17.10 -8.07
C ALA A 429 -9.31 -16.12 -9.06
N ASN A 430 -10.62 -15.95 -9.02
CA ASN A 430 -11.30 -15.05 -9.98
C ASN A 430 -12.07 -13.93 -9.26
N GLY A 431 -11.51 -12.74 -9.30
CA GLY A 431 -12.09 -11.59 -8.70
C GLY A 431 -13.33 -11.01 -9.37
N LYS A 432 -13.55 -11.41 -10.61
CA LYS A 432 -14.73 -11.05 -11.38
C LYS A 432 -15.97 -11.87 -10.88
N THR A 433 -15.79 -13.18 -10.78
CA THR A 433 -16.89 -14.09 -10.45
C THR A 433 -16.97 -14.39 -8.95
N GLY A 434 -15.92 -14.02 -8.20
CA GLY A 434 -15.89 -14.29 -6.75
C GLY A 434 -15.72 -15.78 -6.42
N GLU A 435 -15.01 -16.50 -7.29
CA GLU A 435 -14.74 -17.95 -7.17
C GLU A 435 -13.25 -18.10 -6.87
N TYR A 436 -12.95 -18.63 -5.69
CA TYR A 436 -11.55 -18.69 -5.22
C TYR A 436 -11.27 -20.13 -4.80
N GLY A 437 -10.33 -20.76 -5.49
CA GLY A 437 -10.00 -22.16 -5.25
C GLY A 437 -9.49 -22.42 -3.83
N GLU A 438 -9.66 -23.64 -3.36
CA GLU A 438 -9.31 -24.01 -1.99
C GLU A 438 -7.85 -23.75 -1.64
N PHE A 439 -6.96 -23.91 -2.62
CA PHE A 439 -5.54 -23.68 -2.40
C PHE A 439 -5.03 -22.42 -3.11
N SER A 440 -5.95 -21.53 -3.50
CA SER A 440 -5.54 -20.30 -4.21
C SER A 440 -4.79 -19.31 -3.33
N ASP A 441 -4.90 -19.45 -2.01
CA ASP A 441 -4.17 -18.64 -1.05
C ASP A 441 -2.74 -19.11 -0.75
N CYS A 442 -2.31 -20.25 -1.30
CA CYS A 442 -0.94 -20.73 -1.09
C CYS A 442 0.06 -19.98 -2.00
N SER A 443 1.34 -20.09 -1.66
CA SER A 443 2.39 -19.51 -2.48
C SER A 443 2.43 -20.13 -3.89
N VAL A 444 2.98 -19.39 -4.85
CA VAL A 444 3.08 -19.93 -6.19
C VAL A 444 3.82 -21.29 -6.27
N GLU A 445 4.88 -21.46 -5.48
CA GLU A 445 5.64 -22.71 -5.45
C GLU A 445 4.78 -23.82 -4.88
N GLN A 446 4.05 -23.53 -3.80
CA GLN A 446 3.13 -24.52 -3.24
C GLN A 446 2.04 -24.90 -4.23
N LYS A 447 1.52 -23.92 -4.95
CA LYS A 447 0.50 -24.18 -5.95
C LYS A 447 0.98 -25.10 -7.08
N LEU A 448 2.20 -24.86 -7.58
CA LEU A 448 2.78 -25.68 -8.63
C LEU A 448 3.10 -27.09 -8.13
N SER A 449 3.63 -27.18 -6.90
CA SER A 449 3.92 -28.47 -6.27
C SER A 449 2.67 -29.35 -6.13
N LEU A 450 1.54 -28.70 -5.80
CA LEU A 450 0.27 -29.39 -5.65
C LEU A 450 -0.13 -30.08 -6.96
N GLN A 451 -0.02 -29.33 -8.04
CA GLN A 451 -0.39 -29.84 -9.36
C GLN A 451 0.58 -30.94 -9.80
N LEU A 452 1.87 -30.69 -9.61
CA LEU A 452 2.89 -31.71 -9.92
C LEU A 452 2.65 -33.05 -9.21
N SER A 453 2.37 -32.96 -7.91
CA SER A 453 2.01 -34.11 -7.09
C SER A 453 0.74 -34.84 -7.53
N LYS A 454 -0.29 -34.08 -7.90
CA LYS A 454 -1.52 -34.67 -8.47
C LYS A 454 -1.21 -35.50 -9.72
N LEU A 455 -0.37 -34.97 -10.61
CA LEU A 455 0.06 -35.70 -11.80
C LEU A 455 0.85 -36.98 -11.43
N TYR A 456 1.73 -36.87 -10.44
CA TYR A 456 2.48 -37.99 -9.91
C TYR A 456 1.57 -39.09 -9.40
N CYS A 457 0.55 -38.70 -8.63
CA CYS A 457 -0.41 -39.65 -8.09
C CYS A 457 -1.30 -40.23 -9.20
N LYS A 458 -1.66 -39.39 -10.18
CA LYS A 458 -2.46 -39.81 -11.35
C LYS A 458 -1.75 -40.87 -12.22
N ILE A 459 -0.44 -40.71 -12.40
CA ILE A 459 0.41 -41.67 -13.11
C ILE A 459 0.47 -43.00 -12.34
N GLY A 460 0.83 -42.93 -11.06
CA GLY A 460 0.75 -44.09 -10.16
C GLY A 460 1.90 -45.09 -10.20
N ALA A 461 3.08 -44.64 -10.61
CA ALA A 461 4.29 -45.48 -10.63
C ALA A 461 4.84 -45.76 -9.23
N ASN A 462 4.71 -44.77 -8.33
CA ASN A 462 5.14 -44.88 -6.92
C ASN A 462 6.64 -45.20 -6.79
N ASP A 463 7.41 -44.61 -7.70
CA ASP A 463 8.82 -44.95 -7.93
C ASP A 463 9.72 -43.76 -7.62
N ARG A 464 9.15 -42.77 -6.91
CA ARG A 464 9.83 -41.51 -6.57
C ARG A 464 10.29 -40.63 -7.74
N HIS A 465 9.75 -40.88 -8.93
CA HIS A 465 10.09 -40.07 -10.10
C HIS A 465 9.02 -38.99 -10.38
N CYS A 466 9.31 -37.75 -9.99
CA CYS A 466 8.36 -36.65 -10.17
C CYS A 466 8.25 -36.31 -11.65
N PRO A 467 7.01 -36.19 -12.18
CA PRO A 467 6.85 -36.11 -13.63
C PRO A 467 7.07 -34.71 -14.26
N LEU A 468 8.16 -34.06 -13.90
CA LEU A 468 8.56 -32.81 -14.54
C LEU A 468 10.08 -32.67 -14.46
N ASN A 469 10.70 -32.42 -15.61
CA ASN A 469 12.16 -32.36 -15.74
C ASN A 469 12.63 -30.93 -15.56
N ASP A 470 13.18 -30.65 -14.37
CA ASP A 470 13.72 -29.35 -14.02
C ASP A 470 14.54 -29.58 -12.75
N LYS A 471 15.67 -28.90 -12.66
CA LYS A 471 16.55 -29.03 -11.48
C LYS A 471 15.85 -28.63 -10.17
N ASN A 472 14.83 -27.77 -10.26
CA ASN A 472 14.11 -27.32 -9.05
C ASN A 472 13.10 -28.32 -8.50
N VAL A 473 12.80 -29.37 -9.27
CA VAL A 473 11.87 -30.43 -8.84
C VAL A 473 12.60 -31.45 -7.96
N TYR A 474 11.92 -31.92 -6.92
CA TYR A 474 12.50 -32.98 -6.09
C TYR A 474 11.42 -33.81 -5.44
N PHE A 475 11.74 -35.07 -5.18
CA PHE A 475 10.85 -35.91 -4.40
C PHE A 475 11.04 -35.55 -2.93
N ASN A 476 9.92 -35.38 -2.21
CA ASN A 476 9.93 -34.93 -0.83
C ASN A 476 9.84 -36.19 0.05
N LEU A 477 10.95 -36.53 0.69
CA LEU A 477 11.02 -37.76 1.50
C LEU A 477 10.08 -37.70 2.72
N GLU A 478 9.77 -36.50 3.21
CA GLU A 478 8.79 -36.33 4.28
C GLU A 478 7.42 -36.90 3.91
N SER A 479 7.07 -36.87 2.62
CA SER A 479 5.83 -37.46 2.13
C SER A 479 5.67 -38.93 2.53
N LEU A 480 6.78 -39.63 2.74
CA LEU A 480 6.77 -41.02 3.14
C LEU A 480 6.43 -41.22 4.63
N GLN A 481 6.69 -40.21 5.48
CA GLN A 481 6.52 -40.34 6.94
C GLN A 481 5.03 -40.30 7.31
N PRO A 482 4.53 -41.35 8.02
CA PRO A 482 3.08 -41.63 8.16
C PRO A 482 2.24 -40.50 8.75
N CYS A 489 -3.05 -32.24 8.72
CA CYS A 489 -2.83 -32.24 7.29
C CYS A 489 -3.50 -33.43 6.63
C4 9P8 B . 1.82 -4.39 -8.83
C4 9P8 B . 2.13 -4.73 -8.96
C5 9P8 B . 1.47 -2.97 -8.37
C5 9P8 B . 1.93 -3.31 -8.42
C6 9P8 B . 0.05 -2.94 -7.82
C6 9P8 B . 0.56 -3.11 -7.77
N1 9P8 B . 1.24 10.08 -11.74
N1 9P8 B . 2.80 6.03 -10.12
C3 9P8 B . 3.26 -4.39 -9.33
C3 9P8 B . 3.59 -4.87 -9.44
CBQ 9P8 B . 1.65 12.15 -12.73
CBQ 9P8 B . 3.45 7.16 -12.22
CBS 9P8 B . 0.42 12.07 -13.33
CBS 9P8 B . 4.32 6.11 -12.53
CBV 9P8 B . -0.43 10.98 -13.17
CBV 9P8 B . 4.44 5.05 -11.66
CBT 9P8 B . -0.02 9.94 -12.37
CBT 9P8 B . 3.68 4.99 -10.50
CBP 9P8 B . 2.08 11.13 -11.91
CBP 9P8 B . 2.71 7.10 -11.03
CBN 9P8 B . 3.35 11.21 -11.30
CBN 9P8 B . 1.95 8.08 -10.76
OBO 9P8 B . 3.67 10.04 -10.51
OBO 9P8 B . 2.78 9.10 -10.06
CBM 9P8 B . 4.85 10.17 -9.68
CBM 9P8 B . 4.25 9.34 -9.95
CBI 9P8 B . 5.27 8.82 -9.07
CBI 9P8 B . 4.99 8.12 -9.32
CBH 9P8 B . 5.02 8.38 -7.84
CBH 9P8 B . 4.86 7.59 -8.11
NBL 9P8 B . 5.94 7.91 -9.71
NBL 9P8 B . 5.88 7.38 -9.99
NBK 9P8 B . 6.08 6.96 -8.97
NBK 9P8 B . 6.25 6.41 -9.18
NBJ 9P8 B . 5.54 7.18 -7.80
NBJ 9P8 B . 5.65 6.52 -8.09
CAM 9P8 B . 5.68 6.16 -6.73
CAM 9P8 B . 5.93 5.61 -6.98
CAL 9P8 B . 5.65 4.73 -7.22
CAL 9P8 B . 5.99 4.14 -7.41
OBB 9P8 B . 4.30 4.37 -7.54
OBB 9P8 B . 4.68 3.67 -7.74
OBE 9P8 B . 7.00 6.48 -6.33
OBE 9P8 B . 7.20 6.05 -6.50
CAN 9P8 B . 7.47 5.72 -5.24
CAN 9P8 B . 7.62 5.26 -5.37
CAR 9P8 B . 8.85 6.32 -4.85
CAR 9P8 B . 8.87 5.90 -4.70
OAU 9P8 B . 9.83 5.93 -5.86
OAU 9P8 B . 9.36 6.97 -5.51
CAO 9P8 B . 7.53 4.23 -5.57
CAO 9P8 B . 7.86 3.85 -5.85
OBA 9P8 B . 7.87 3.50 -4.36
OBA 9P8 B . 8.43 3.04 -4.82
CAK 9P8 B . 6.16 3.77 -6.11
CAK 9P8 B . 6.53 3.30 -6.24
OBG 9P8 B . 6.19 2.43 -6.67
OBG 9P8 B . 6.67 1.90 -6.58
CAH 9P8 B . 5.21 1.54 -6.07
CAH 9P8 B . 5.63 1.03 -6.13
CAG 9P8 B . 5.29 0.19 -6.78
CAG 9P8 B . 5.81 -0.29 -6.84
OAZ 9P8 B . 4.93 0.31 -8.20
OAZ 9P8 B . 5.75 -0.05 -8.27
OBD 9P8 B . 5.46 1.38 -4.67
OBD 9P8 B . 5.82 0.86 -4.73
CAI 9P8 B . 4.38 0.60 -4.12
CAI 9P8 B . 4.80 -0.03 -4.21
CAQ 9P8 B . 4.49 0.57 -2.61
CAQ 9P8 B . 5.10 -0.14 -2.72
OAT 9P8 B . 5.75 -0.03 -2.30
OAT 9P8 B . 6.50 -0.35 -2.48
CAJ 9P8 B . 4.50 -0.81 -4.64
CAJ 9P8 B . 4.89 -1.40 -4.86
OAY 9P8 B . 3.49 -1.64 -4.03
OAY 9P8 B . 3.87 -2.24 -4.33
CAF 9P8 B . 4.32 -0.82 -6.14
CAF 9P8 B . 4.77 -1.29 -6.37
O1 9P8 B . 4.60 -2.11 -6.68
O1 9P8 B . 5.06 -2.57 -6.94
C1 9P8 B . 3.75 -2.49 -7.78
C1 9P8 B . 4.17 -2.99 -7.96
O5 9P8 B . 2.37 -2.54 -7.32
O5 9P8 B . 2.92 -3.04 -7.39
O6 9P8 B . -0.03 -3.73 -6.63
O6 9P8 B . 0.43 -3.93 -6.61
O4 9P8 B . 0.96 -4.79 -9.91
O4 9P8 B . 1.25 -4.96 -10.08
O3 9P8 B . 3.66 -5.72 -9.65
O3 9P8 B . 3.92 -6.24 -9.67
C2 9P8 B . 4.18 -3.87 -8.26
C2 9P8 B . 4.55 -4.40 -8.42
O2 9P8 B . 5.52 -3.84 -8.80
O2 9P8 B . 5.86 -4.45 -8.98
C1 EDO C . -14.51 21.35 8.94
O1 EDO C . -13.45 22.26 8.60
C2 EDO C . -13.92 19.99 9.27
O2 EDO C . -12.51 19.89 8.98
#